data_3WFX
#
_entry.id   3WFX
#
_cell.length_a   98.580
_cell.length_b   44.330
_cell.length_c   81.880
_cell.angle_alpha   90.00
_cell.angle_beta   119.68
_cell.angle_gamma   90.00
#
_symmetry.space_group_name_H-M   'C 1 2 1'
#
loop_
_entity.id
_entity.type
_entity.pdbx_description
1 polymer 'Hemoglobin-like flavoprotein fused to Roadblock/LC7 domain'
2 non-polymer 'PROTOPORPHYRIN IX CONTAINING FE'
3 non-polymer HEXANE-1,6-DIOL
4 non-polymer IMIDAZOLE
5 water water
#
_entity_poly.entity_id   1
_entity_poly.type   'polypeptide(L)'
_entity_poly.pdbx_seq_one_letter_code
;MTREEIKMIQKSWLRVIDKMDEAGLLFYRRLFDVEPKVRPLFKIDIEKQGRKLMDVLNWIVLNLQDIDAALDAARELARR
HVKYGVKAEHYPVVGHTLIWTLRKMIGSEWTKQLEQLWTQAYEALAQVMIEEHHHHHH
;
_entity_poly.pdbx_strand_id   A,B
#
loop_
_chem_comp.id
_chem_comp.type
_chem_comp.name
_chem_comp.formula
HEM non-polymer 'PROTOPORPHYRIN IX CONTAINING FE' 'C34 H32 Fe N4 O4'
HEZ non-polymer HEXANE-1,6-DIOL 'C6 H14 O2'
IMD non-polymer IMIDAZOLE 'C3 H5 N2 1'
#
# COMPACT_ATOMS: atom_id res chain seq x y z
N MET A 1 7.30 -1.23 -5.64
CA MET A 1 8.15 -1.04 -6.81
C MET A 1 9.56 -0.66 -6.45
N THR A 2 10.48 -0.95 -7.36
CA THR A 2 11.88 -0.65 -7.13
C THR A 2 12.12 0.79 -7.56
N ARG A 3 13.17 1.40 -7.02
CA ARG A 3 13.50 2.79 -7.34
C ARG A 3 13.64 2.98 -8.85
N GLU A 4 14.21 1.99 -9.51
CA GLU A 4 14.35 2.03 -10.96
C GLU A 4 13.00 1.87 -11.68
N GLU A 5 12.09 1.08 -11.11
CA GLU A 5 10.77 0.94 -11.70
C GLU A 5 10.01 2.27 -11.63
N ILE A 6 10.12 2.96 -10.50
CA ILE A 6 9.51 4.28 -10.35
C ILE A 6 10.16 5.28 -11.31
N LYS A 7 11.47 5.15 -11.45
CA LYS A 7 12.22 5.97 -12.39
C LYS A 7 11.72 5.79 -13.82
N MET A 8 11.46 4.53 -14.21
CA MET A 8 10.94 4.24 -15.56
C MET A 8 9.60 4.91 -15.79
N ILE A 9 8.72 4.84 -14.81
CA ILE A 9 7.42 5.50 -14.88
C ILE A 9 7.54 7.02 -15.04
N GLN A 10 8.40 7.63 -14.23
CA GLN A 10 8.57 9.09 -14.25
C GLN A 10 9.12 9.58 -15.60
N LYS A 11 10.02 8.80 -16.18
CA LYS A 11 10.56 9.12 -17.50
C LYS A 11 9.50 9.07 -18.59
N SER A 12 8.67 8.03 -18.58
CA SER A 12 7.61 7.91 -19.57
C SER A 12 6.65 9.08 -19.46
N TRP A 13 6.43 9.51 -18.21
CA TRP A 13 5.57 10.63 -17.87
C TRP A 13 6.13 11.94 -18.48
N LEU A 14 7.41 12.19 -18.26
CA LEU A 14 8.04 13.41 -18.79
C LEU A 14 8.05 13.39 -20.32
N ARG A 15 8.02 12.20 -20.90
CA ARG A 15 7.96 12.08 -22.34
CA ARG A 15 7.94 12.05 -22.35
C ARG A 15 6.63 12.63 -22.88
N VAL A 16 5.55 12.34 -22.16
CA VAL A 16 4.21 12.75 -22.58
C VAL A 16 3.90 14.20 -22.23
N ILE A 17 4.46 14.67 -21.12
CA ILE A 17 4.30 16.04 -20.67
C ILE A 17 4.68 17.00 -21.79
N ASP A 18 5.63 16.59 -22.62
CA ASP A 18 6.04 17.40 -23.77
C ASP A 18 4.90 17.61 -24.78
N LYS A 19 4.14 16.55 -25.06
CA LYS A 19 3.06 16.59 -26.04
C LYS A 19 1.69 16.55 -25.37
N MET A 20 1.50 17.38 -24.35
CA MET A 20 0.30 17.29 -23.53
C MET A 20 -1.06 17.60 -24.20
N ASP A 21 -1.09 18.60 -25.08
CA ASP A 21 -2.33 18.89 -25.80
C ASP A 21 -2.73 17.70 -26.67
N GLU A 22 -1.77 17.12 -27.37
CA GLU A 22 -2.06 15.95 -28.19
C GLU A 22 -2.54 14.77 -27.35
N ALA A 23 -1.87 14.53 -26.23
CA ALA A 23 -2.24 13.42 -25.35
C ALA A 23 -3.65 13.62 -24.82
N GLY A 24 -3.95 14.86 -24.43
CA GLY A 24 -5.25 15.20 -23.89
C GLY A 24 -6.34 14.91 -24.88
N LEU A 25 -6.18 15.40 -26.12
CA LEU A 25 -7.20 15.19 -27.14
C LEU A 25 -7.42 13.69 -27.40
N LEU A 26 -6.33 12.95 -27.45
CA LEU A 26 -6.40 11.51 -27.66
C LEU A 26 -7.15 10.80 -26.55
N PHE A 27 -6.86 11.16 -25.31
CA PHE A 27 -7.53 10.54 -24.17
C PHE A 27 -9.06 10.68 -24.25
N TYR A 28 -9.55 11.92 -24.33
CA TYR A 28 -10.99 12.15 -24.32
C TYR A 28 -11.70 11.60 -25.53
N ARG A 29 -11.07 11.72 -26.69
CA ARG A 29 -11.63 11.16 -27.90
CA ARG A 29 -11.62 11.15 -27.91
C ARG A 29 -11.86 9.67 -27.68
N ARG A 30 -10.83 9.01 -27.16
CA ARG A 30 -10.89 7.57 -26.90
C ARG A 30 -11.95 7.26 -25.83
N LEU A 31 -11.87 7.92 -24.68
CA LEU A 31 -12.79 7.65 -23.57
C LEU A 31 -14.25 7.77 -24.00
N PHE A 32 -14.56 8.83 -24.72
CA PHE A 32 -15.95 9.10 -25.12
C PHE A 32 -16.38 8.24 -26.32
N ASP A 33 -15.43 7.73 -27.09
CA ASP A 33 -15.74 6.76 -28.13
C ASP A 33 -16.16 5.43 -27.53
N VAL A 34 -15.41 4.94 -26.55
CA VAL A 34 -15.71 3.67 -25.90
CA VAL A 34 -15.74 3.66 -25.92
C VAL A 34 -16.78 3.80 -24.82
N GLU A 35 -16.80 4.92 -24.12
CA GLU A 35 -17.75 5.09 -23.01
C GLU A 35 -18.46 6.45 -23.06
N PRO A 36 -19.31 6.64 -24.07
CA PRO A 36 -19.97 7.94 -24.28
C PRO A 36 -20.81 8.42 -23.10
N LYS A 37 -21.28 7.51 -22.25
CA LYS A 37 -22.14 7.87 -21.13
C LYS A 37 -21.49 8.72 -20.05
N VAL A 38 -20.15 8.70 -19.96
CA VAL A 38 -19.50 9.51 -18.94
C VAL A 38 -19.22 10.93 -19.43
N ARG A 39 -19.45 11.21 -20.71
CA ARG A 39 -19.26 12.58 -21.24
C ARG A 39 -19.82 13.68 -20.33
N PRO A 40 -21.09 13.55 -19.89
CA PRO A 40 -21.68 14.63 -19.08
C PRO A 40 -20.99 14.89 -17.75
N LEU A 41 -20.17 13.95 -17.26
CA LEU A 41 -19.49 14.15 -16.00
C LEU A 41 -18.36 15.18 -16.10
N PHE A 42 -17.81 15.32 -17.30
CA PHE A 42 -16.64 16.16 -17.51
C PHE A 42 -17.02 17.57 -17.89
N LYS A 43 -17.02 18.46 -16.90
CA LYS A 43 -17.40 19.85 -17.16
C LYS A 43 -16.17 20.76 -17.19
N ILE A 44 -15.23 20.45 -18.06
CA ILE A 44 -13.94 21.13 -18.06
C ILE A 44 -13.89 22.18 -19.17
N ASP A 45 -13.10 23.23 -18.97
CA ASP A 45 -12.91 24.23 -20.02
C ASP A 45 -12.30 23.54 -21.20
N ILE A 46 -12.85 23.80 -22.38
CA ILE A 46 -12.48 23.01 -23.54
C ILE A 46 -11.02 23.22 -23.93
N GLU A 47 -10.46 24.36 -23.54
CA GLU A 47 -9.06 24.68 -23.86
C GLU A 47 -8.07 24.08 -22.88
N LYS A 48 -8.59 23.44 -21.84
CA LYS A 48 -7.72 22.90 -20.80
C LYS A 48 -7.68 21.37 -20.79
N GLN A 49 -8.13 20.73 -21.85
CA GLN A 49 -8.16 19.26 -21.88
CA GLN A 49 -8.13 19.27 -21.95
C GLN A 49 -6.77 18.67 -21.68
N GLY A 50 -5.74 19.29 -22.27
CA GLY A 50 -4.40 18.80 -22.08
C GLY A 50 -3.95 18.95 -20.64
N ARG A 51 -4.15 20.16 -20.09
CA ARG A 51 -3.80 20.41 -18.69
C ARG A 51 -4.51 19.43 -17.75
N LYS A 52 -5.79 19.20 -17.99
CA LYS A 52 -6.55 18.30 -17.11
C LYS A 52 -6.09 16.86 -17.19
N LEU A 53 -5.71 16.38 -18.37
CA LEU A 53 -5.12 15.04 -18.44
C LEU A 53 -3.78 15.01 -17.73
N MET A 54 -2.94 16.03 -17.95
CA MET A 54 -1.64 16.02 -17.30
CA MET A 54 -1.64 16.10 -17.29
C MET A 54 -1.77 16.04 -15.78
N ASP A 55 -2.80 16.69 -15.26
CA ASP A 55 -3.02 16.71 -13.81
C ASP A 55 -3.30 15.31 -13.26
N VAL A 56 -3.94 14.45 -14.07
CA VAL A 56 -4.24 13.08 -13.64
C VAL A 56 -2.94 12.29 -13.56
N LEU A 57 -2.17 12.37 -14.63
CA LEU A 57 -0.89 11.68 -14.69
C LEU A 57 0.07 12.18 -13.60
N ASN A 58 0.12 13.50 -13.41
CA ASN A 58 0.88 14.08 -12.31
C ASN A 58 0.49 13.49 -10.96
N TRP A 59 -0.82 13.45 -10.72
CA TRP A 59 -1.35 12.98 -9.45
C TRP A 59 -0.88 11.56 -9.18
N ILE A 60 -1.04 10.69 -10.17
CA ILE A 60 -0.59 9.30 -10.05
C ILE A 60 0.89 9.20 -9.71
N VAL A 61 1.72 9.93 -10.45
CA VAL A 61 3.17 9.84 -10.25
C VAL A 61 3.63 10.41 -8.91
N LEU A 62 3.17 11.61 -8.58
CA LEU A 62 3.47 12.22 -7.28
C LEU A 62 3.00 11.35 -6.11
N ASN A 63 1.78 10.83 -6.20
CA ASN A 63 1.27 9.95 -5.14
C ASN A 63 2.07 8.66 -5.04
N LEU A 64 2.53 8.16 -6.18
CA LEU A 64 3.35 6.96 -6.19
C LEU A 64 4.65 7.20 -5.42
N GLN A 65 5.23 8.39 -5.62
CA GLN A 65 6.42 8.80 -4.88
C GLN A 65 6.18 8.86 -3.36
N ASP A 66 5.06 9.47 -2.98
CA ASP A 66 4.70 9.59 -1.55
C ASP A 66 4.51 8.24 -0.87
N ILE A 67 3.86 7.32 -1.58
CA ILE A 67 3.64 5.98 -1.03
C ILE A 67 4.95 5.23 -0.93
N ASP A 68 5.83 5.44 -1.91
CA ASP A 68 7.13 4.79 -1.87
C ASP A 68 7.90 5.24 -0.63
N ALA A 69 7.91 6.56 -0.41
CA ALA A 69 8.49 7.16 0.78
C ALA A 69 7.91 6.58 2.07
N ALA A 70 6.60 6.36 2.08
CA ALA A 70 5.92 5.88 3.28
C ALA A 70 6.33 4.43 3.59
N LEU A 71 6.69 3.70 2.55
CA LEU A 71 7.12 2.32 2.68
C LEU A 71 8.57 2.21 3.18
N ASP A 72 9.32 3.31 3.14
CA ASP A 72 10.76 3.22 3.47
C ASP A 72 11.07 2.84 4.92
N ALA A 73 10.19 3.17 5.86
CA ALA A 73 10.40 2.77 7.26
C ALA A 73 10.43 1.25 7.40
N ALA A 74 9.49 0.59 6.73
CA ALA A 74 9.47 -0.88 6.73
C ALA A 74 10.70 -1.47 6.04
N ARG A 75 11.14 -0.86 4.94
CA ARG A 75 12.33 -1.37 4.29
C ARG A 75 13.56 -1.18 5.18
N GLU A 76 13.59 -0.06 5.90
CA GLU A 76 14.65 0.25 6.86
C GLU A 76 14.68 -0.84 7.93
N LEU A 77 13.51 -1.17 8.46
CA LEU A 77 13.41 -2.21 9.48
C LEU A 77 13.92 -3.54 8.96
N ALA A 78 13.55 -3.87 7.72
CA ALA A 78 13.93 -5.14 7.10
C ALA A 78 15.43 -5.21 6.90
N ARG A 79 16.05 -4.10 6.50
CA ARG A 79 17.51 -4.07 6.37
C ARG A 79 18.23 -4.34 7.70
N ARG A 80 17.73 -3.79 8.80
CA ARG A 80 18.30 -4.16 10.11
C ARG A 80 18.15 -5.66 10.38
N HIS A 81 16.99 -6.22 10.02
CA HIS A 81 16.76 -7.65 10.19
C HIS A 81 17.65 -8.51 9.33
N VAL A 82 17.93 -8.08 8.10
CA VAL A 82 18.92 -8.77 7.28
C VAL A 82 20.24 -8.84 8.05
N LYS A 83 20.62 -7.73 8.65
CA LYS A 83 21.82 -7.67 9.47
C LYS A 83 21.77 -8.59 10.70
N TYR A 84 20.57 -8.79 11.26
CA TYR A 84 20.41 -9.70 12.41
C TYR A 84 20.47 -11.19 11.99
N GLY A 85 20.39 -11.47 10.70
CA GLY A 85 20.45 -12.84 10.25
C GLY A 85 19.08 -13.41 9.97
N VAL A 86 18.05 -12.58 10.04
CA VAL A 86 16.70 -13.02 9.71
C VAL A 86 16.62 -13.28 8.22
N LYS A 87 15.83 -14.28 7.85
CA LYS A 87 15.59 -14.57 6.45
C LYS A 87 14.11 -14.53 6.10
N ALA A 88 13.81 -14.43 4.80
CA ALA A 88 12.42 -14.31 4.34
C ALA A 88 11.55 -15.43 4.84
N GLU A 89 12.10 -16.64 4.92
CA GLU A 89 11.33 -17.80 5.32
C GLU A 89 10.93 -17.78 6.81
N HIS A 90 11.51 -16.87 7.59
CA HIS A 90 11.24 -16.85 9.05
C HIS A 90 9.98 -16.08 9.40
N TYR A 91 9.50 -15.26 8.48
CA TYR A 91 8.36 -14.38 8.77
C TYR A 91 7.03 -15.06 9.11
N PRO A 92 6.71 -16.19 8.44
CA PRO A 92 5.46 -16.84 8.83
C PRO A 92 5.41 -17.32 10.29
N VAL A 93 6.48 -17.92 10.78
CA VAL A 93 6.41 -18.48 12.13
C VAL A 93 6.29 -17.37 13.18
N VAL A 94 6.88 -16.23 12.89
CA VAL A 94 6.80 -15.11 13.80
C VAL A 94 5.38 -14.55 13.82
N GLY A 95 4.80 -14.39 12.64
CA GLY A 95 3.41 -13.97 12.54
C GLY A 95 2.46 -14.90 13.25
N HIS A 96 2.57 -16.20 13.01
CA HIS A 96 1.70 -17.15 13.70
C HIS A 96 1.86 -17.03 15.22
N THR A 97 3.09 -16.80 15.65
CA THR A 97 3.40 -16.80 17.08
C THR A 97 2.93 -15.49 17.71
N LEU A 98 3.03 -14.41 16.95
CA LEU A 98 2.46 -13.14 17.39
C LEU A 98 0.96 -13.31 17.59
N ILE A 99 0.29 -13.88 16.58
CA ILE A 99 -1.15 -14.10 16.63
C ILE A 99 -1.53 -15.03 17.79
N TRP A 100 -0.77 -16.10 17.94
CA TRP A 100 -0.98 -17.05 19.04
C TRP A 100 -0.89 -16.34 20.39
N THR A 101 0.07 -15.43 20.51
CA THR A 101 0.32 -14.74 21.77
C THR A 101 -0.81 -13.76 22.07
N LEU A 102 -1.24 -13.02 21.06
CA LEU A 102 -2.30 -12.03 21.21
C LEU A 102 -3.58 -12.71 21.66
N ARG A 103 -3.97 -13.72 20.89
CA ARG A 103 -5.15 -14.53 21.16
C ARG A 103 -5.15 -15.06 22.59
N LYS A 104 -3.97 -15.36 23.12
CA LYS A 104 -3.87 -15.89 24.47
C LYS A 104 -3.96 -14.80 25.54
N MET A 105 -3.42 -13.63 25.23
CA MET A 105 -3.47 -12.53 26.19
C MET A 105 -4.83 -11.84 26.20
N ILE A 106 -5.41 -11.64 25.01
CA ILE A 106 -6.68 -10.95 24.87
C ILE A 106 -7.81 -11.80 25.46
N GLY A 107 -7.62 -13.11 25.44
CA GLY A 107 -8.51 -14.03 26.14
C GLY A 107 -9.92 -14.13 25.58
N SER A 108 -10.90 -13.97 26.45
CA SER A 108 -12.30 -14.26 26.12
C SER A 108 -12.86 -13.35 25.04
N GLU A 109 -12.33 -12.13 24.97
CA GLU A 109 -12.83 -11.14 24.04
C GLU A 109 -12.02 -11.10 22.75
N TRP A 110 -11.42 -12.23 22.40
CA TRP A 110 -10.70 -12.35 21.14
C TRP A 110 -11.68 -12.80 20.07
N THR A 111 -11.66 -12.13 18.92
CA THR A 111 -12.61 -12.42 17.87
C THR A 111 -11.92 -12.81 16.57
N LYS A 112 -12.67 -13.47 15.70
CA LYS A 112 -12.16 -13.92 14.40
C LYS A 112 -11.85 -12.70 13.54
N GLN A 113 -12.58 -11.61 13.80
CA GLN A 113 -12.36 -10.33 13.14
C GLN A 113 -11.03 -9.72 13.55
N LEU A 114 -10.78 -9.65 14.85
CA LEU A 114 -9.51 -9.17 15.39
C LEU A 114 -8.35 -9.94 14.77
N GLU A 115 -8.51 -11.26 14.74
CA GLU A 115 -7.47 -12.14 14.23
C GLU A 115 -7.22 -11.87 12.75
N GLN A 116 -8.29 -11.59 12.02
CA GLN A 116 -8.17 -11.26 10.61
C GLN A 116 -7.45 -9.92 10.40
N LEU A 117 -7.75 -8.92 11.23
CA LEU A 117 -7.12 -7.60 11.10
C LEU A 117 -5.61 -7.66 11.41
N TRP A 118 -5.27 -8.26 12.55
CA TRP A 118 -3.88 -8.49 12.89
C TRP A 118 -3.15 -9.31 11.82
N THR A 119 -3.82 -10.31 11.27
CA THR A 119 -3.23 -11.10 10.21
C THR A 119 -2.98 -10.25 8.96
N GLN A 120 -3.97 -9.45 8.55
CA GLN A 120 -3.80 -8.60 7.38
C GLN A 120 -2.64 -7.63 7.55
N ALA A 121 -2.56 -7.03 8.73
CA ALA A 121 -1.54 -6.02 9.02
C ALA A 121 -0.16 -6.66 8.94
N TYR A 122 -0.03 -7.84 9.57
CA TYR A 122 1.26 -8.54 9.57
C TYR A 122 1.69 -8.97 8.19
N GLU A 123 0.79 -9.60 7.43
CA GLU A 123 1.15 -10.11 6.10
C GLU A 123 1.55 -9.00 5.15
N ALA A 124 0.84 -7.89 5.22
CA ALA A 124 1.11 -6.74 4.36
C ALA A 124 2.48 -6.15 4.67
N LEU A 125 2.79 -6.00 5.95
CA LEU A 125 4.11 -5.53 6.38
C LEU A 125 5.19 -6.55 5.99
N ALA A 126 4.97 -7.81 6.32
CA ALA A 126 5.96 -8.85 6.03
C ALA A 126 6.23 -8.92 4.52
N GLN A 127 5.19 -8.73 3.72
CA GLN A 127 5.36 -8.70 2.26
C GLN A 127 6.37 -7.62 1.82
N VAL A 128 6.26 -6.43 2.39
CA VAL A 128 7.16 -5.33 2.05
C VAL A 128 8.58 -5.59 2.57
N MET A 129 8.66 -6.13 3.79
CA MET A 129 9.95 -6.48 4.38
C MET A 129 10.61 -7.62 3.62
N ILE A 130 9.83 -8.64 3.27
CA ILE A 130 10.32 -9.78 2.50
C ILE A 130 10.88 -9.37 1.14
N GLU A 131 10.19 -8.45 0.47
CA GLU A 131 10.67 -7.92 -0.80
C GLU A 131 12.07 -7.33 -0.59
N GLU A 132 12.23 -6.59 0.50
CA GLU A 132 13.55 -6.03 0.82
C GLU A 132 14.60 -7.11 1.05
N HIS A 133 14.23 -8.18 1.75
CA HIS A 133 15.17 -9.29 1.96
C HIS A 133 15.65 -9.84 0.61
N HIS A 134 14.73 -9.95 -0.34
CA HIS A 134 15.07 -10.52 -1.64
C HIS A 134 15.97 -9.62 -2.47
N HIS A 135 15.97 -8.33 -2.15
CA HIS A 135 16.90 -7.38 -2.76
C HIS A 135 18.32 -7.59 -2.27
N HIS A 136 18.47 -8.31 -1.17
CA HIS A 136 19.79 -8.59 -0.60
C HIS A 136 20.29 -9.99 -0.96
N MET B 1 -7.77 -0.48 5.66
CA MET B 1 -8.64 -0.64 6.83
C MET B 1 -9.40 0.63 7.13
N THR B 2 -10.56 0.47 7.78
CA THR B 2 -11.36 1.61 8.19
C THR B 2 -10.78 2.15 9.49
N ARG B 3 -11.13 3.37 9.85
CA ARG B 3 -10.69 3.93 11.14
C ARG B 3 -11.13 3.05 12.30
N GLU B 4 -12.34 2.52 12.20
CA GLU B 4 -12.93 1.65 13.23
CA GLU B 4 -12.87 1.69 13.28
C GLU B 4 -12.08 0.39 13.43
N GLU B 5 -11.63 -0.18 12.31
CA GLU B 5 -10.80 -1.38 12.35
C GLU B 5 -9.43 -1.11 12.97
N ILE B 6 -8.86 0.05 12.65
CA ILE B 6 -7.56 0.44 13.22
C ILE B 6 -7.67 0.66 14.72
N LYS B 7 -8.79 1.23 15.16
CA LYS B 7 -9.06 1.42 16.58
C LYS B 7 -9.20 0.08 17.29
N MET B 8 -9.79 -0.90 16.61
CA MET B 8 -9.90 -2.23 17.19
C MET B 8 -8.51 -2.81 17.42
N ILE B 9 -7.61 -2.56 16.47
CA ILE B 9 -6.24 -3.02 16.59
C ILE B 9 -5.57 -2.29 17.73
N GLN B 10 -5.78 -0.99 17.79
CA GLN B 10 -5.17 -0.15 18.83
C GLN B 10 -5.63 -0.58 20.22
N LYS B 11 -6.93 -0.85 20.36
CA LYS B 11 -7.50 -1.27 21.65
C LYS B 11 -6.97 -2.62 22.14
N SER B 12 -6.84 -3.58 21.22
CA SER B 12 -6.30 -4.87 21.61
C SER B 12 -4.83 -4.73 22.00
N TRP B 13 -4.13 -3.85 21.28
CA TRP B 13 -2.75 -3.52 21.56
C TRP B 13 -2.57 -2.97 22.97
N LEU B 14 -3.39 -2.00 23.36
CA LEU B 14 -3.30 -1.41 24.70
C LEU B 14 -3.54 -2.46 25.79
N ARG B 15 -4.39 -3.43 25.48
CA ARG B 15 -4.69 -4.52 26.40
C ARG B 15 -3.45 -5.38 26.68
N VAL B 16 -2.69 -5.68 25.62
CA VAL B 16 -1.48 -6.50 25.77
C VAL B 16 -0.41 -5.76 26.56
N ILE B 17 -0.27 -4.46 26.29
CA ILE B 17 0.66 -3.61 27.02
C ILE B 17 0.47 -3.72 28.53
N ASP B 18 -0.80 -3.80 28.93
CA ASP B 18 -1.18 -3.90 30.34
C ASP B 18 -0.47 -5.05 31.08
N LYS B 19 -0.25 -6.16 30.38
CA LYS B 19 0.57 -7.23 30.92
C LYS B 19 1.62 -7.63 29.89
N MET B 20 2.53 -6.69 29.62
CA MET B 20 3.54 -6.87 28.58
CA MET B 20 3.53 -6.87 28.58
C MET B 20 4.64 -7.85 28.97
N ASP B 21 4.98 -7.89 30.26
CA ASP B 21 5.99 -8.83 30.75
C ASP B 21 5.58 -10.28 30.49
N GLU B 22 4.30 -10.56 30.70
CA GLU B 22 3.75 -11.90 30.51
C GLU B 22 3.64 -12.25 29.03
N ALA B 23 3.23 -11.28 28.23
CA ALA B 23 3.12 -11.47 26.80
C ALA B 23 4.50 -11.79 26.21
N GLY B 24 5.51 -11.02 26.63
CA GLY B 24 6.88 -11.25 26.19
C GLY B 24 7.33 -12.68 26.46
N LEU B 25 7.19 -13.10 27.71
CA LEU B 25 7.59 -14.43 28.13
C LEU B 25 6.89 -15.50 27.30
N LEU B 26 5.58 -15.34 27.11
CA LEU B 26 4.77 -16.28 26.34
C LEU B 26 5.28 -16.36 24.92
N PHE B 27 5.46 -15.19 24.30
CA PHE B 27 5.91 -15.13 22.92
C PHE B 27 7.21 -15.86 22.66
N TYR B 28 8.24 -15.56 23.44
CA TYR B 28 9.56 -16.11 23.15
C TYR B 28 9.63 -17.59 23.49
N ARG B 29 8.93 -17.97 24.54
CA ARG B 29 8.81 -19.38 24.89
C ARG B 29 8.19 -20.18 23.74
N ARG B 30 7.10 -19.64 23.17
CA ARG B 30 6.41 -20.31 22.07
C ARG B 30 7.26 -20.38 20.80
N LEU B 31 7.82 -19.23 20.39
CA LEU B 31 8.69 -19.17 19.22
C LEU B 31 9.82 -20.20 19.28
N PHE B 32 10.48 -20.28 20.43
CA PHE B 32 11.62 -21.19 20.53
C PHE B 32 11.20 -22.64 20.69
N ASP B 33 10.01 -22.88 21.24
CA ASP B 33 9.45 -24.24 21.30
C ASP B 33 9.10 -24.71 19.88
N VAL B 34 8.40 -23.87 19.16
CA VAL B 34 7.97 -24.16 17.80
C VAL B 34 9.15 -24.19 16.82
N GLU B 35 10.05 -23.21 16.94
CA GLU B 35 11.14 -23.05 15.98
C GLU B 35 12.48 -22.78 16.65
N PRO B 36 13.08 -23.81 17.28
CA PRO B 36 14.32 -23.60 18.04
C PRO B 36 15.50 -23.14 17.17
N LYS B 37 15.47 -23.42 15.86
CA LYS B 37 16.57 -23.02 14.99
C LYS B 37 16.81 -21.50 14.96
N VAL B 38 15.80 -20.69 15.24
CA VAL B 38 16.00 -19.25 15.25
C VAL B 38 16.49 -18.70 16.58
N ARG B 39 16.50 -19.54 17.61
CA ARG B 39 16.97 -19.10 18.93
C ARG B 39 18.33 -18.36 18.95
N PRO B 40 19.35 -18.90 18.25
CA PRO B 40 20.64 -18.20 18.25
C PRO B 40 20.61 -16.76 17.69
N LEU B 41 19.53 -16.37 17.01
CA LEU B 41 19.45 -15.03 16.43
C LEU B 41 19.23 -13.96 17.50
N PHE B 42 18.60 -14.35 18.60
CA PHE B 42 18.16 -13.38 19.59
C PHE B 42 19.17 -13.18 20.70
N LYS B 43 19.26 -11.94 21.18
CA LYS B 43 20.13 -11.65 22.31
C LYS B 43 19.50 -12.15 23.59
N ILE B 44 20.30 -12.84 24.39
CA ILE B 44 19.81 -13.46 25.61
C ILE B 44 19.57 -12.42 26.71
N ASP B 45 18.31 -12.22 27.06
CA ASP B 45 17.93 -11.30 28.13
C ASP B 45 16.45 -11.48 28.48
N ILE B 46 16.17 -12.52 29.25
CA ILE B 46 14.81 -12.86 29.66
C ILE B 46 14.03 -11.68 30.28
N GLU B 47 14.72 -10.86 31.06
CA GLU B 47 14.04 -9.77 31.77
C GLU B 47 13.57 -8.64 30.84
N LYS B 48 14.06 -8.62 29.60
CA LYS B 48 13.68 -7.57 28.66
C LYS B 48 12.63 -8.01 27.65
N GLN B 49 12.25 -9.28 27.71
CA GLN B 49 11.33 -9.88 26.75
C GLN B 49 10.02 -9.10 26.61
N GLY B 50 9.52 -8.55 27.70
CA GLY B 50 8.36 -7.67 27.65
C GLY B 50 8.64 -6.49 26.74
N ARG B 51 9.73 -5.79 27.02
CA ARG B 51 10.14 -4.62 26.26
CA ARG B 51 10.13 -4.61 26.25
C ARG B 51 10.35 -4.96 24.78
N LYS B 52 10.97 -6.11 24.54
CA LYS B 52 11.31 -6.55 23.19
C LYS B 52 10.08 -6.84 22.36
N LEU B 53 9.09 -7.50 22.94
CA LEU B 53 7.86 -7.75 22.20
C LEU B 53 7.11 -6.43 22.01
N MET B 54 7.19 -5.56 23.01
CA MET B 54 6.50 -4.28 22.90
C MET B 54 7.02 -3.43 21.74
N ASP B 55 8.34 -3.41 21.53
CA ASP B 55 8.93 -2.71 20.40
C ASP B 55 8.32 -3.19 19.07
N VAL B 56 8.08 -4.49 18.99
CA VAL B 56 7.56 -5.11 17.78
C VAL B 56 6.12 -4.66 17.55
N LEU B 57 5.30 -4.81 18.59
CA LEU B 57 3.89 -4.47 18.48
C LEU B 57 3.71 -2.95 18.25
N ASN B 58 4.52 -2.16 18.94
CA ASN B 58 4.48 -0.71 18.78
C ASN B 58 4.79 -0.32 17.34
N TRP B 59 5.80 -0.98 16.79
CA TRP B 59 6.26 -0.68 15.44
C TRP B 59 5.13 -0.96 14.47
N ILE B 60 4.54 -2.15 14.59
CA ILE B 60 3.43 -2.53 13.73
C ILE B 60 2.26 -1.54 13.74
N VAL B 61 1.77 -1.21 14.94
CA VAL B 61 0.64 -0.30 15.09
C VAL B 61 0.94 1.12 14.60
N LEU B 62 2.10 1.68 14.95
CA LEU B 62 2.41 3.05 14.56
C LEU B 62 2.63 3.16 13.06
N ASN B 63 3.33 2.17 12.51
CA ASN B 63 3.54 2.12 11.07
C ASN B 63 2.20 1.96 10.36
N LEU B 64 1.32 1.16 10.94
CA LEU B 64 -0.04 1.01 10.39
C LEU B 64 -0.76 2.36 10.34
N GLN B 65 -0.60 3.14 11.40
CA GLN B 65 -1.19 4.48 11.42
C GLN B 65 -0.54 5.38 10.36
N ASP B 66 0.77 5.24 10.19
CA ASP B 66 1.48 6.05 9.20
C ASP B 66 1.03 5.75 7.76
N ILE B 67 0.88 4.46 7.46
CA ILE B 67 0.44 4.04 6.13
C ILE B 67 -1.00 4.48 5.86
N ASP B 68 -1.86 4.29 6.85
CA ASP B 68 -3.22 4.76 6.74
C ASP B 68 -3.28 6.25 6.42
N ALA B 69 -2.41 7.06 7.05
CA ALA B 69 -2.34 8.50 6.74
C ALA B 69 -1.86 8.77 5.32
N ALA B 70 -0.97 7.91 4.85
CA ALA B 70 -0.44 8.07 3.50
C ALA B 70 -1.52 7.78 2.44
N LEU B 71 -2.49 6.95 2.78
CA LEU B 71 -3.60 6.64 1.87
C LEU B 71 -4.71 7.71 1.84
N ASP B 72 -4.68 8.65 2.77
CA ASP B 72 -5.75 9.65 2.85
C ASP B 72 -5.86 10.55 1.61
N ALA B 73 -4.74 10.88 0.97
CA ALA B 73 -4.80 11.65 -0.28
C ALA B 73 -5.62 10.97 -1.38
N ALA B 74 -5.40 9.67 -1.59
CA ALA B 74 -6.19 8.89 -2.55
C ALA B 74 -7.66 8.88 -2.13
N ARG B 75 -7.91 8.70 -0.84
CA ARG B 75 -9.28 8.68 -0.35
C ARG B 75 -9.97 10.04 -0.52
N GLU B 76 -9.25 11.15 -0.28
CA GLU B 76 -9.82 12.48 -0.53
C GLU B 76 -10.15 12.68 -2.01
N LEU B 77 -9.25 12.22 -2.88
CA LEU B 77 -9.45 12.30 -4.33
C LEU B 77 -10.71 11.52 -4.69
N ALA B 78 -10.84 10.32 -4.13
CA ALA B 78 -12.00 9.49 -4.39
C ALA B 78 -13.29 10.16 -3.91
N ARG B 79 -13.27 10.80 -2.73
CA ARG B 79 -14.47 11.51 -2.28
C ARG B 79 -14.88 12.59 -3.27
N ARG B 80 -13.90 13.29 -3.85
CA ARG B 80 -14.26 14.29 -4.85
C ARG B 80 -14.88 13.63 -6.06
N HIS B 81 -14.33 12.49 -6.47
CA HIS B 81 -14.92 11.75 -7.58
C HIS B 81 -16.34 11.30 -7.35
N VAL B 82 -16.66 10.91 -6.12
CA VAL B 82 -18.04 10.58 -5.79
C VAL B 82 -18.92 11.80 -6.07
N LYS B 83 -18.47 12.98 -5.66
CA LYS B 83 -19.22 14.20 -5.91
C LYS B 83 -19.37 14.50 -7.39
N TYR B 84 -18.41 14.06 -8.20
CA TYR B 84 -18.41 14.34 -9.63
C TYR B 84 -19.41 13.43 -10.34
N GLY B 85 -19.87 12.39 -9.65
CA GLY B 85 -20.78 11.45 -10.27
C GLY B 85 -20.11 10.16 -10.72
N VAL B 86 -18.84 10.00 -10.39
CA VAL B 86 -18.07 8.83 -10.79
C VAL B 86 -18.50 7.60 -9.99
N LYS B 87 -18.52 6.44 -10.63
CA LYS B 87 -18.87 5.17 -9.97
C LYS B 87 -17.72 4.19 -10.05
N ALA B 88 -17.66 3.27 -9.10
CA ALA B 88 -16.58 2.30 -9.03
C ALA B 88 -16.45 1.54 -10.35
N GLU B 89 -17.57 1.39 -11.05
CA GLU B 89 -17.58 0.61 -12.27
C GLU B 89 -16.85 1.32 -13.41
N HIS B 90 -16.65 2.64 -13.28
CA HIS B 90 -15.98 3.44 -14.31
C HIS B 90 -14.44 3.32 -14.29
N TYR B 91 -13.89 2.83 -13.20
CA TYR B 91 -12.43 2.83 -13.06
C TYR B 91 -11.67 2.00 -14.08
N PRO B 92 -12.15 0.77 -14.41
CA PRO B 92 -11.37 -0.01 -15.37
C PRO B 92 -11.27 0.62 -16.76
N VAL B 93 -12.35 1.16 -17.31
CA VAL B 93 -12.31 1.78 -18.64
C VAL B 93 -11.42 3.03 -18.67
N VAL B 94 -11.40 3.78 -17.57
CA VAL B 94 -10.57 4.98 -17.53
C VAL B 94 -9.11 4.58 -17.48
N GLY B 95 -8.80 3.55 -16.68
CA GLY B 95 -7.44 3.04 -16.62
C GLY B 95 -6.94 2.52 -17.96
N HIS B 96 -7.77 1.73 -18.63
CA HIS B 96 -7.41 1.20 -19.94
C HIS B 96 -7.15 2.36 -20.92
N THR B 97 -7.96 3.39 -20.81
CA THR B 97 -7.87 4.52 -21.76
C THR B 97 -6.63 5.39 -21.51
N LEU B 98 -6.31 5.56 -20.24
CA LEU B 98 -5.11 6.27 -19.81
C LEU B 98 -3.85 5.57 -20.32
N ILE B 99 -3.77 4.27 -20.12
CA ILE B 99 -2.60 3.51 -20.53
C ILE B 99 -2.56 3.38 -22.07
N TRP B 100 -3.73 3.27 -22.69
CA TRP B 100 -3.82 3.29 -24.15
C TRP B 100 -3.24 4.58 -24.73
N THR B 101 -3.57 5.71 -24.09
CA THR B 101 -3.06 7.00 -24.49
C THR B 101 -1.53 7.08 -24.32
N LEU B 102 -1.03 6.58 -23.20
CA LEU B 102 0.42 6.63 -22.96
C LEU B 102 1.14 5.77 -24.01
N ARG B 103 0.60 4.58 -24.25
CA ARG B 103 1.15 3.70 -25.27
C ARG B 103 1.17 4.35 -26.66
N LYS B 104 0.05 4.95 -27.06
CA LYS B 104 0.00 5.61 -28.37
C LYS B 104 0.99 6.76 -28.46
N MET B 105 1.06 7.57 -27.40
CA MET B 105 1.94 8.74 -27.35
CA MET B 105 1.94 8.74 -27.40
C MET B 105 3.42 8.36 -27.37
N ILE B 106 3.78 7.39 -26.55
CA ILE B 106 5.19 7.01 -26.41
C ILE B 106 5.70 6.21 -27.61
N GLY B 107 4.79 5.55 -28.32
CA GLY B 107 5.12 4.93 -29.60
C GLY B 107 6.10 3.77 -29.51
N SER B 108 7.17 3.86 -30.30
CA SER B 108 8.11 2.76 -30.45
C SER B 108 8.92 2.48 -29.19
N GLU B 109 9.02 3.48 -28.31
CA GLU B 109 9.76 3.33 -27.07
C GLU B 109 8.92 2.69 -25.96
N TRP B 110 7.69 2.29 -26.27
CA TRP B 110 6.84 1.65 -25.27
C TRP B 110 7.27 0.20 -25.11
N THR B 111 7.11 -0.35 -23.91
CA THR B 111 7.49 -1.73 -23.64
C THR B 111 6.42 -2.41 -22.81
N LYS B 112 6.44 -3.74 -22.80
CA LYS B 112 5.51 -4.50 -21.95
C LYS B 112 5.77 -4.16 -20.49
N GLN B 113 7.04 -3.94 -20.16
CA GLN B 113 7.41 -3.63 -18.80
C GLN B 113 6.75 -2.32 -18.35
N LEU B 114 6.88 -1.27 -19.17
CA LEU B 114 6.24 0.00 -18.86
C LEU B 114 4.74 -0.17 -18.70
N GLU B 115 4.14 -0.94 -19.61
CA GLU B 115 2.70 -1.16 -19.56
C GLU B 115 2.29 -1.90 -18.28
N GLN B 116 3.10 -2.86 -17.87
CA GLN B 116 2.82 -3.58 -16.64
C GLN B 116 2.99 -2.66 -15.41
N LEU B 117 3.97 -1.76 -15.44
CA LEU B 117 4.17 -0.85 -14.32
C LEU B 117 3.02 0.16 -14.16
N TRP B 118 2.63 0.82 -15.25
CA TRP B 118 1.49 1.74 -15.18
C TRP B 118 0.22 1.00 -14.77
N THR B 119 0.04 -0.22 -15.28
CA THR B 119 -1.11 -1.04 -14.87
C THR B 119 -1.11 -1.29 -13.36
N GLN B 120 0.05 -1.67 -12.82
CA GLN B 120 0.13 -1.96 -11.38
C GLN B 120 -0.16 -0.70 -10.56
N ALA B 121 0.41 0.42 -11.01
CA ALA B 121 0.23 1.68 -10.33
C ALA B 121 -1.25 2.11 -10.39
N TYR B 122 -1.84 2.04 -11.59
CA TYR B 122 -3.26 2.42 -11.70
C TYR B 122 -4.16 1.51 -10.86
N GLU B 123 -3.98 0.20 -10.97
CA GLU B 123 -4.85 -0.73 -10.26
C GLU B 123 -4.77 -0.61 -8.74
N ALA B 124 -3.57 -0.36 -8.21
CA ALA B 124 -3.39 -0.20 -6.77
C ALA B 124 -4.09 1.05 -6.31
N LEU B 125 -3.97 2.14 -7.08
CA LEU B 125 -4.64 3.39 -6.77
C LEU B 125 -6.15 3.23 -6.81
N ALA B 126 -6.65 2.67 -7.92
CA ALA B 126 -8.09 2.50 -8.14
C ALA B 126 -8.69 1.64 -7.04
N GLN B 127 -7.93 0.66 -6.58
CA GLN B 127 -8.46 -0.25 -5.56
C GLN B 127 -8.73 0.54 -4.29
N VAL B 128 -7.83 1.45 -3.95
CA VAL B 128 -8.04 2.31 -2.77
C VAL B 128 -9.22 3.27 -2.97
N MET B 129 -9.33 3.83 -4.18
CA MET B 129 -10.41 4.78 -4.45
C MET B 129 -11.76 4.07 -4.45
N ILE B 130 -11.79 2.87 -5.01
CA ILE B 130 -13.04 2.14 -5.14
C ILE B 130 -13.58 1.76 -3.76
N GLU B 131 -12.66 1.41 -2.87
CA GLU B 131 -13.01 1.08 -1.50
C GLU B 131 -13.67 2.29 -0.86
N GLU B 132 -13.18 3.49 -1.19
CA GLU B 132 -13.77 4.69 -0.64
C GLU B 132 -15.18 4.95 -1.22
N HIS B 133 -15.39 4.64 -2.50
CA HIS B 133 -16.69 4.77 -3.15
C HIS B 133 -17.74 3.90 -2.47
N HIS B 134 -17.33 2.72 -2.01
CA HIS B 134 -18.25 1.73 -1.46
C HIS B 134 -18.60 2.00 0.00
N HIS B 135 -18.13 3.12 0.53
CA HIS B 135 -18.49 3.55 1.88
C HIS B 135 -19.63 4.56 1.84
CHA HEM C . 14.42 -6.88 16.52
CHB HEM C . 10.11 -5.77 14.62
CHC HEM C . 10.16 -9.96 12.20
CHD HEM C . 14.00 -11.42 14.71
C1A HEM C . 13.27 -6.18 16.20
C2A HEM C . 12.94 -4.83 16.61
C3A HEM C . 11.75 -4.53 16.07
C4A HEM C . 11.29 -5.67 15.32
CMA HEM C . 10.96 -3.20 16.21
CAA HEM C . 13.82 -3.90 17.48
CBA HEM C . 15.16 -3.65 16.80
CGA HEM C . 14.94 -2.86 15.54
O1A HEM C . 14.02 -2.00 15.53
O2A HEM C . 15.65 -3.10 14.53
C1B HEM C . 9.75 -6.81 13.78
C2B HEM C . 8.57 -6.86 12.94
C3B HEM C . 8.58 -8.04 12.29
C4B HEM C . 9.78 -8.73 12.67
CMB HEM C . 7.50 -5.76 12.89
CAB HEM C . 7.56 -8.59 11.25
CBB HEM C . 6.82 -7.82 10.46
C1C HEM C . 11.19 -10.74 12.66
C2C HEM C . 11.47 -12.10 12.24
C3C HEM C . 12.52 -12.54 12.93
C4C HEM C . 12.95 -11.45 13.83
CMC HEM C . 10.67 -12.87 11.17
CAC HEM C . 13.11 -13.96 12.72
CBC HEM C . 13.79 -14.59 13.68
C1D HEM C . 14.53 -10.30 15.34
C2D HEM C . 15.83 -10.26 16.00
C3D HEM C . 15.96 -8.85 16.56
C4D HEM C . 14.73 -8.17 16.19
CMD HEM C . 16.88 -11.38 16.10
CAD HEM C . 17.15 -8.27 17.35
CBD HEM C . 16.70 -8.05 18.78
CGD HEM C . 17.00 -9.30 19.59
O1D HEM C . 18.13 -9.84 19.49
O2D HEM C . 16.11 -9.73 20.37
NA HEM C . 12.24 -6.66 15.43
NB HEM C . 10.48 -7.97 13.58
NC HEM C . 12.10 -10.38 13.64
ND HEM C . 13.92 -9.06 15.48
FE HEM C . 12.18 -8.51 14.56
O1 HEZ D . -2.27 5.75 -2.49
C1 HEZ D . -2.76 4.63 -3.13
C2 HEZ D . -1.86 3.44 -3.24
C3 HEZ D . -0.82 3.44 -4.34
C4 HEZ D . -1.16 4.10 -5.64
C5 HEZ D . -0.04 4.34 -6.61
C6 HEZ D . -0.24 5.39 -7.67
O6 HEZ D . -0.39 6.71 -7.28
O1 HEZ E . -2.05 -16.20 10.99
C1 HEZ E . -0.93 -15.42 10.74
C2 HEZ E . -0.31 -15.60 9.39
C3 HEZ E . 0.87 -14.79 9.00
C4 HEZ E . 1.97 -15.54 8.33
C5 HEZ E . 2.56 -15.02 7.05
C6 HEZ E . 3.84 -14.27 7.17
O6 HEZ E . 4.50 -13.88 6.03
N1 IMD F . -9.94 11.91 -14.34
C2 IMD F . -9.93 12.98 -15.16
N3 IMD F . -9.56 12.55 -16.37
C4 IMD F . -9.34 11.22 -16.31
C5 IMD F . -9.56 10.80 -15.00
N1 IMD G . 11.28 -9.43 16.23
C2 IMD G . 11.66 -9.49 17.52
N3 IMD G . 10.72 -10.18 18.20
C4 IMD G . 9.75 -10.54 17.33
C5 IMD G . 10.09 -10.05 16.08
O1 HEZ H . -0.10 -21.79 15.84
C1 HEZ H . 1.28 -21.74 15.86
C2 HEZ H . 2.03 -22.66 14.96
C3 HEZ H . 3.07 -22.08 14.06
C4 HEZ H . 2.79 -22.13 12.59
C5 HEZ H . 3.92 -21.92 11.65
C6 HEZ H . 3.65 -22.08 10.20
O6 HEZ H . 4.53 -21.49 9.31
CHA HEM I . -11.11 15.06 -12.11
CHB HEM I . -7.41 12.07 -11.05
CHC HEM I . -10.35 8.37 -12.12
CHD HEM I . -13.73 11.33 -13.91
C1A HEM I . -9.88 14.59 -11.70
C2A HEM I . -8.79 15.40 -11.17
C3A HEM I . -7.78 14.57 -10.87
C4A HEM I . -8.18 13.21 -11.20
CMA HEM I . -6.41 14.95 -10.28
CAA HEM I . -8.80 16.93 -10.97
CBA HEM I . -9.83 17.34 -9.90
CGA HEM I . -9.57 16.70 -8.56
O1A HEM I . -8.39 16.60 -8.11
O2A HEM I . -10.54 16.28 -7.89
C1B HEM I . -7.90 10.79 -11.23
C2B HEM I . -7.20 9.55 -10.94
C3B HEM I . -8.02 8.53 -11.25
C4B HEM I . -9.25 9.11 -11.72
CMB HEM I . -5.77 9.46 -10.39
CAB HEM I . -7.85 6.99 -11.15
CBB HEM I . -7.01 6.36 -10.34
C1C HEM I . -11.48 8.85 -12.72
C2C HEM I . -12.54 8.02 -13.21
C3C HEM I . -13.47 8.81 -13.73
C4C HEM I . -13.05 10.20 -13.55
CMC HEM I . -12.56 6.48 -13.17
CAC HEM I . -14.77 8.29 -14.38
CBC HEM I . -15.36 8.98 -15.36
C1D HEM I . -13.40 12.60 -13.50
C2D HEM I . -14.24 13.76 -13.63
C3D HEM I . -13.42 14.90 -13.05
C4D HEM I . -12.15 14.33 -12.65
CMD HEM I . -15.67 13.82 -14.20
CAD HEM I . -13.84 16.37 -12.94
CBD HEM I . -13.91 16.97 -14.33
CGD HEM I . -14.43 18.36 -14.12
O1D HEM I . -15.60 18.63 -14.50
O2D HEM I . -13.67 19.17 -13.52
NA HEM I . -9.47 13.27 -11.70
NB HEM I . -9.14 10.47 -11.71
NC HEM I . -11.83 10.17 -12.91
ND HEM I . -12.17 12.98 -12.93
FE HEM I . -10.68 11.72 -12.32
O1 HEZ J . -8.09 -1.92 -13.81
C1 HEZ J . -7.81 -1.20 -14.96
C2 HEZ J . -6.39 -1.10 -15.39
C3 HEZ J . -6.14 -0.92 -16.85
C4 HEZ J . -5.02 -1.65 -17.48
C5 HEZ J . -4.79 -1.37 -18.92
C6 HEZ J . -3.86 -2.24 -19.68
O6 HEZ J . -3.55 -1.84 -20.97
O1 HEZ K . 2.54 -2.12 10.00
C1 HEZ K . 1.33 -2.74 9.72
C2 HEZ K . 0.96 -2.95 8.29
C3 HEZ K . 1.45 -1.97 7.28
C4 HEZ K . 1.86 -2.53 5.95
C5 HEZ K . 2.53 -1.63 4.96
C6 HEZ K . 4.03 -1.60 4.94
O6 HEZ K . 4.65 -0.47 5.45
O1 HEZ L . 9.83 -0.25 18.10
C1 HEZ L . 8.90 0.76 18.02
C2 HEZ L . 9.38 2.16 17.83
C3 HEZ L . 8.44 3.11 17.16
C4 HEZ L . 8.70 3.49 15.74
C5 HEZ L . 7.90 2.77 14.70
C6 HEZ L . 7.07 3.56 13.76
O6 HEZ L . 7.07 3.17 12.43
#